data_6O2C
#
_entry.id   6O2C
#
_cell.length_a   63.978
_cell.length_b   68.111
_cell.length_c   84.635
_cell.angle_alpha   90.000
_cell.angle_beta   102.420
_cell.angle_gamma   90.000
#
_symmetry.space_group_name_H-M   'P 1 21 1'
#
loop_
_entity.id
_entity.type
_entity.pdbx_description
1 polymer '4493 Fab heavy chain'
2 polymer '4493 Kappa light chain'
3 polymer 'Anti-kappa VHH domain'
4 polymer 'Circumsporozoite protein'
5 non-polymer 1,2-ETHANEDIOL
6 non-polymer 'TRIETHYLENE GLYCOL'
7 non-polymer DI(HYDROXYETHYL)ETHER
8 water water
#
loop_
_entity_poly.entity_id
_entity_poly.type
_entity_poly.pdbx_seq_one_letter_code
_entity_poly.pdbx_strand_id
1 'polypeptide(L)'
;EVQLVESGGGLVQPGRSLRLSCTASGFTFGDYAMSWVRQAPGKGLEWVGFIRSKANGGRTENPASVKGRFTISRDDSKSI
AYLQMNSLKTEDTAVYYCTRVELGSSWSLGYWGQGTLVTVSSASTKGPSVFPLAPSSKSTSGGTAALGCLVKDYFPEPVT
VSWNSGALTSGVHTFPAVLQSSGLYSLSSVVTVPSSSLGTQTYICNVNHKPSNTKVDKKVEPKSC
;
A
2 'polypeptide(L)'
;EIVLTQSPGTLSLSPGERATLSCRASQSVSSTYLAWYQQKPGQAPRLLIYGASSRATGIPDRFSGSGSGTDFTLTISRLE
PEDFAVYYCQQYGSSPWTFGQGTKVEIKRTVAAPSVFIFPPSDEQLKSGTASVVCLLNNFYPREAKVQWKVDNALQSGNS
QESVTEQDSKDSTYSLSSTLTLSKADYEKHKVYACEVTHQGLSSPVTKSFNRGEC
;
B
3 'polypeptide(L)'
;(UNK)VQL(UNK)(UNK)SGGG(UNK)VQ(UNK)G(UNK)SL(UNK)LSC(UNK)A(UNK)(UNK)(UNK)(UNK)
(UNK)(UNK)(UNK)(UNK)(UNK)(UNK)(UNK)W(UNK)RQ(UNK)PG(UNK)(UNK)RE(UNK)V(UNK)(UNK)
(UNK)(UNK)(UNK)(UNK)(UNK)(UNK)(UNK)(UNK)(UNK)(UNK)(UNK)DS(UNK)(UNK)GRFT(UNK)S
(UNK)D(UNK)(UNK)(UNK)(UNK)(UNK)(UNK)(UNK)LQ(UNK)(UNK)(UNK)L(UNK)(UNK)(UNK)D(UNK)
A(UNK)YYC(UNK)(UNK)(UNK)(UNK)(UNK)(UNK)(UNK)(UNK)(UNK)(UNK)(UNK)(UNK)(UNK)(UNK)W
G(UNK)GT(UNK)VTVSS
;
K
4 'polypeptide(L)' NANPNANPNANP C
#
loop_
_chem_comp.id
_chem_comp.type
_chem_comp.name
_chem_comp.formula
EDO non-polymer 1,2-ETHANEDIOL 'C2 H6 O2'
PEG non-polymer DI(HYDROXYETHYL)ETHER 'C4 H10 O3'
PGE non-polymer 'TRIETHYLENE GLYCOL' 'C6 H14 O4'
#
# COMPACT_ATOMS: atom_id res chain seq x y z
N GLU A 1 -28.59 -17.72 -6.62
CA GLU A 1 -27.37 -17.02 -6.23
C GLU A 1 -26.15 -17.93 -6.36
N VAL A 2 -25.18 -17.50 -7.17
CA VAL A 2 -23.95 -18.27 -7.32
C VAL A 2 -23.11 -18.14 -6.07
N GLN A 3 -22.65 -19.27 -5.55
CA GLN A 3 -21.75 -19.28 -4.41
C GLN A 3 -20.63 -20.28 -4.64
N LEU A 4 -19.40 -19.86 -4.33
CA LEU A 4 -18.23 -20.72 -4.36
C LEU A 4 -17.57 -20.65 -2.99
N VAL A 5 -17.34 -21.81 -2.36
CA VAL A 5 -16.76 -21.86 -1.02
C VAL A 5 -15.52 -22.73 -1.04
N GLU A 6 -14.35 -22.12 -0.89
CA GLU A 6 -13.11 -22.86 -0.80
C GLU A 6 -12.88 -23.38 0.61
N SER A 7 -12.28 -24.56 0.72
CA SER A 7 -11.85 -25.08 2.01
C SER A 7 -10.62 -25.94 1.79
N GLY A 8 -9.96 -26.27 2.89
CA GLY A 8 -8.77 -27.09 2.86
C GLY A 8 -7.48 -26.33 3.10
N GLY A 9 -7.52 -25.00 3.12
CA GLY A 9 -6.32 -24.24 3.37
C GLY A 9 -5.79 -24.43 4.77
N GLY A 10 -4.53 -24.05 4.97
CA GLY A 10 -3.94 -24.18 6.28
C GLY A 10 -2.44 -24.01 6.22
N LEU A 11 -1.80 -24.30 7.34
CA LEU A 11 -0.35 -24.22 7.48
C LEU A 11 0.27 -25.56 7.14
N VAL A 12 1.27 -25.55 6.25
CA VAL A 12 1.86 -26.78 5.74
C VAL A 12 3.34 -26.54 5.48
N GLN A 13 4.15 -27.60 5.65
CA GLN A 13 5.59 -27.53 5.38
C GLN A 13 5.85 -27.59 3.88
N PRO A 14 6.94 -26.99 3.41
CA PRO A 14 7.32 -27.17 2.00
C PRO A 14 7.51 -28.65 1.67
N GLY A 15 7.27 -28.98 0.41
CA GLY A 15 7.32 -30.35 -0.04
C GLY A 15 6.09 -31.18 0.27
N ARG A 16 5.22 -30.72 1.17
CA ARG A 16 4.05 -31.49 1.53
C ARG A 16 2.97 -31.33 0.47
N SER A 17 1.88 -32.08 0.65
CA SER A 17 0.73 -32.04 -0.22
C SER A 17 -0.48 -31.46 0.51
N LEU A 18 -1.35 -30.82 -0.25
CA LEU A 18 -2.56 -30.24 0.31
C LEU A 18 -3.60 -30.17 -0.80
N ARG A 19 -4.83 -30.58 -0.50
CA ARG A 19 -5.92 -30.55 -1.47
C ARG A 19 -6.95 -29.51 -1.06
N LEU A 20 -7.21 -28.55 -1.93
CA LEU A 20 -8.26 -27.57 -1.71
C LEU A 20 -9.53 -28.02 -2.40
N SER A 21 -10.66 -27.73 -1.77
CA SER A 21 -11.97 -28.00 -2.32
C SER A 21 -12.68 -26.69 -2.61
N CYS A 22 -13.49 -26.69 -3.65
CA CYS A 22 -14.35 -25.56 -3.99
C CYS A 22 -15.77 -26.09 -4.17
N THR A 23 -16.63 -25.85 -3.20
CA THR A 23 -18.01 -26.31 -3.29
C THR A 23 -18.83 -25.25 -4.00
N ALA A 24 -19.42 -25.63 -5.13
CA ALA A 24 -20.11 -24.69 -5.97
C ALA A 24 -21.61 -24.89 -5.85
N SER A 25 -22.36 -23.79 -5.83
CA SER A 25 -23.80 -23.88 -5.77
C SER A 25 -24.40 -22.71 -6.54
N GLY A 26 -25.65 -22.88 -6.94
CA GLY A 26 -26.37 -21.84 -7.61
C GLY A 26 -26.25 -21.83 -9.11
N PHE A 27 -25.63 -22.86 -9.71
CA PHE A 27 -25.54 -22.94 -11.17
C PHE A 27 -25.29 -24.38 -11.59
N THR A 28 -25.39 -24.60 -12.90
CA THR A 28 -25.17 -25.89 -13.53
C THR A 28 -23.66 -26.14 -13.63
N PHE A 29 -23.08 -26.49 -12.48
CA PHE A 29 -21.63 -26.59 -12.32
C PHE A 29 -20.97 -27.41 -13.43
N GLY A 30 -21.59 -28.53 -13.82
CA GLY A 30 -21.00 -29.42 -14.80
C GLY A 30 -20.81 -28.81 -16.17
N ASP A 31 -21.56 -27.74 -16.50
CA ASP A 31 -21.39 -27.11 -17.80
C ASP A 31 -20.21 -26.16 -17.88
N TYR A 32 -19.62 -25.78 -16.75
CA TYR A 32 -18.66 -24.67 -16.71
C TYR A 32 -17.24 -25.17 -16.52
N ALA A 33 -16.32 -24.51 -17.19
CA ALA A 33 -14.92 -24.60 -16.76
C ALA A 33 -14.78 -23.88 -15.43
N MET A 34 -13.82 -24.34 -14.63
CA MET A 34 -13.50 -23.71 -13.35
C MET A 34 -12.02 -23.38 -13.34
N SER A 35 -11.65 -22.34 -12.59
CA SER A 35 -10.28 -21.86 -12.59
C SER A 35 -9.88 -21.48 -11.17
N TRP A 36 -8.62 -21.73 -10.84
CA TRP A 36 -8.07 -21.31 -9.56
C TRP A 36 -7.16 -20.11 -9.79
N VAL A 37 -7.27 -19.11 -8.92
CA VAL A 37 -6.44 -17.91 -8.94
C VAL A 37 -5.91 -17.71 -7.52
N ARG A 38 -4.67 -17.26 -7.40
CA ARG A 38 -4.08 -17.08 -6.09
C ARG A 38 -3.52 -15.68 -5.94
N GLN A 39 -3.40 -15.26 -4.68
CA GLN A 39 -2.95 -13.93 -4.33
C GLN A 39 -1.99 -14.07 -3.14
N ALA A 40 -0.70 -13.90 -3.40
CA ALA A 40 0.29 -13.91 -2.33
C ALA A 40 0.10 -12.67 -1.46
N PRO A 41 0.57 -12.71 -0.21
CA PRO A 41 0.37 -11.56 0.69
C PRO A 41 0.97 -10.30 0.11
N GLY A 42 0.14 -9.26 0.02
CA GLY A 42 0.56 -7.97 -0.50
C GLY A 42 0.77 -7.90 -1.99
N LYS A 43 0.42 -8.94 -2.74
CA LYS A 43 0.67 -9.01 -4.17
C LYS A 43 -0.64 -9.08 -4.94
N GLY A 44 -0.52 -9.10 -6.26
CA GLY A 44 -1.67 -9.12 -7.14
C GLY A 44 -2.21 -10.52 -7.36
N LEU A 45 -2.82 -10.73 -8.52
CA LEU A 45 -3.49 -11.98 -8.84
C LEU A 45 -2.64 -12.79 -9.80
N GLU A 46 -2.60 -14.10 -9.60
CA GLU A 46 -1.89 -15.02 -10.49
C GLU A 46 -2.79 -16.20 -10.81
N TRP A 47 -3.01 -16.43 -12.10
CA TRP A 47 -3.74 -17.62 -12.55
C TRP A 47 -2.92 -18.86 -12.26
N VAL A 48 -3.53 -19.88 -11.66
CA VAL A 48 -2.83 -21.12 -11.42
C VAL A 48 -3.43 -22.31 -12.14
N GLY A 49 -4.51 -22.12 -12.89
CA GLY A 49 -4.95 -23.15 -13.80
C GLY A 49 -6.45 -23.17 -13.96
N PHE A 50 -6.89 -23.84 -15.02
CA PHE A 50 -8.31 -24.10 -15.21
C PHE A 50 -8.52 -25.56 -15.57
N ILE A 51 -9.76 -26.01 -15.39
CA ILE A 51 -10.20 -27.33 -15.85
C ILE A 51 -11.43 -27.14 -16.70
N ARG A 52 -11.47 -27.79 -17.85
CA ARG A 52 -12.62 -27.67 -18.72
C ARG A 52 -13.76 -28.54 -18.22
N SER A 53 -14.95 -28.25 -18.73
CA SER A 53 -16.08 -29.12 -18.46
C SER A 53 -15.83 -30.49 -19.08
N LYS A 54 -16.59 -31.48 -18.62
CA LYS A 54 -16.45 -32.84 -19.15
C LYS A 54 -16.80 -32.88 -20.63
N ALA A 55 -17.85 -32.17 -21.04
CA ALA A 55 -18.22 -32.12 -22.46
C ALA A 55 -17.07 -31.60 -23.30
N ASN A 56 -16.27 -30.68 -22.76
CA ASN A 56 -15.13 -30.13 -23.46
C ASN A 56 -13.83 -30.86 -23.15
N GLY A 57 -13.91 -32.13 -22.74
CA GLY A 57 -12.75 -32.96 -22.53
C GLY A 57 -12.28 -33.05 -21.09
N GLY A 58 -12.72 -32.15 -20.23
CA GLY A 58 -12.39 -32.20 -18.81
C GLY A 58 -10.92 -32.14 -18.47
N ARG A 59 -10.08 -31.68 -19.39
CA ARG A 59 -8.65 -31.59 -19.11
C ARG A 59 -8.31 -30.22 -18.54
N THR A 60 -7.06 -30.07 -18.13
CA THR A 60 -6.61 -28.90 -17.41
C THR A 60 -5.51 -28.18 -18.16
N GLU A 61 -5.29 -26.93 -17.76
CA GLU A 61 -4.13 -26.14 -18.18
C GLU A 61 -3.60 -25.45 -16.95
N ASN A 62 -2.28 -25.39 -16.83
CA ASN A 62 -1.61 -24.74 -15.71
C ASN A 62 -0.42 -23.96 -16.24
N PRO A 63 -0.06 -22.85 -15.61
CA PRO A 63 1.15 -22.14 -15.99
C PRO A 63 2.40 -22.84 -15.47
N ALA A 64 3.54 -22.47 -16.03
CA ALA A 64 4.80 -23.13 -15.69
C ALA A 64 5.09 -23.09 -14.19
N SER A 65 4.61 -22.05 -13.49
CA SER A 65 4.92 -21.88 -12.07
C SER A 65 4.43 -23.04 -11.21
N VAL A 66 3.32 -23.68 -11.61
CA VAL A 66 2.74 -24.76 -10.84
C VAL A 66 2.62 -26.04 -11.66
N LYS A 67 2.94 -25.99 -12.95
CA LYS A 67 2.80 -27.16 -13.80
C LYS A 67 3.66 -28.31 -13.29
N GLY A 68 3.08 -29.50 -13.25
CA GLY A 68 3.75 -30.67 -12.72
C GLY A 68 3.69 -30.80 -11.21
N ARG A 69 3.18 -29.81 -10.51
CA ARG A 69 2.99 -29.88 -9.07
C ARG A 69 1.54 -29.77 -8.66
N PHE A 70 0.76 -28.90 -9.31
CA PHE A 70 -0.64 -28.70 -8.96
C PHE A 70 -1.52 -29.39 -10.00
N THR A 71 -2.53 -30.10 -9.53
CA THR A 71 -3.49 -30.79 -10.39
C THR A 71 -4.88 -30.32 -10.04
N ILE A 72 -5.65 -29.92 -11.04
CA ILE A 72 -7.04 -29.54 -10.85
C ILE A 72 -7.91 -30.71 -11.26
N SER A 73 -8.94 -30.99 -10.48
CA SER A 73 -9.90 -32.03 -10.80
C SER A 73 -11.28 -31.57 -10.36
N ARG A 74 -12.28 -32.35 -10.73
CA ARG A 74 -13.65 -31.97 -10.44
C ARG A 74 -14.50 -33.21 -10.22
N ASP A 75 -15.49 -33.08 -9.35
CA ASP A 75 -16.50 -34.11 -9.14
C ASP A 75 -17.84 -33.42 -9.42
N ASP A 76 -18.32 -33.56 -10.65
CA ASP A 76 -19.57 -32.91 -11.04
C ASP A 76 -20.77 -33.47 -10.29
N SER A 77 -20.71 -34.73 -9.86
CA SER A 77 -21.81 -35.31 -9.10
C SER A 77 -21.94 -34.68 -7.73
N LYS A 78 -20.87 -34.07 -7.22
CA LYS A 78 -20.90 -33.36 -5.95
C LYS A 78 -20.81 -31.85 -6.12
N SER A 79 -20.61 -31.36 -7.34
CA SER A 79 -20.48 -29.93 -7.61
C SER A 79 -19.28 -29.35 -6.85
N ILE A 80 -18.14 -30.03 -6.97
CA ILE A 80 -16.91 -29.65 -6.28
C ILE A 80 -15.77 -29.63 -7.29
N ALA A 81 -14.97 -28.57 -7.26
CA ALA A 81 -13.69 -28.56 -7.94
C ALA A 81 -12.59 -28.66 -6.91
N TYR A 82 -11.47 -29.25 -7.31
CA TYR A 82 -10.35 -29.53 -6.41
C TYR A 82 -9.08 -28.90 -6.92
N LEU A 83 -8.21 -28.50 -6.01
CA LEU A 83 -6.83 -28.16 -6.35
C LEU A 83 -5.93 -29.03 -5.48
N GLN A 84 -5.31 -30.03 -6.09
CA GLN A 84 -4.34 -30.88 -5.43
C GLN A 84 -2.97 -30.24 -5.57
N MET A 85 -2.43 -29.73 -4.48
CA MET A 85 -1.13 -29.07 -4.47
C MET A 85 -0.09 -30.04 -3.93
N ASN A 86 0.85 -30.45 -4.78
CA ASN A 86 1.96 -31.30 -4.38
C ASN A 86 3.27 -30.52 -4.44
N SER A 87 4.28 -31.05 -3.75
CA SER A 87 5.61 -30.45 -3.73
C SER A 87 5.55 -28.95 -3.45
N LEU A 88 4.82 -28.60 -2.39
CA LEU A 88 4.58 -27.20 -2.08
C LEU A 88 5.88 -26.46 -1.81
N LYS A 89 5.94 -25.22 -2.27
CA LYS A 89 7.07 -24.33 -2.04
C LYS A 89 6.62 -23.16 -1.19
N THR A 90 7.56 -22.55 -0.46
CA THR A 90 7.21 -21.38 0.33
C THR A 90 6.58 -20.30 -0.55
N GLU A 91 6.99 -20.18 -1.80
CA GLU A 91 6.41 -19.17 -2.69
C GLU A 91 4.97 -19.45 -3.07
N ASP A 92 4.46 -20.65 -2.78
CA ASP A 92 3.05 -20.94 -3.03
C ASP A 92 2.13 -20.33 -1.98
N THR A 93 2.70 -19.76 -0.91
CA THR A 93 1.90 -19.10 0.11
C THR A 93 1.02 -18.02 -0.52
N ALA A 94 -0.29 -18.16 -0.35
CA ALA A 94 -1.25 -17.25 -0.97
C ALA A 94 -2.66 -17.60 -0.52
N VAL A 95 -3.57 -16.65 -0.70
CA VAL A 95 -4.99 -16.95 -0.70
C VAL A 95 -5.33 -17.55 -2.05
N TYR A 96 -6.02 -18.69 -2.04
CA TYR A 96 -6.38 -19.39 -3.26
C TYR A 96 -7.87 -19.21 -3.50
N TYR A 97 -8.22 -18.65 -4.65
CA TYR A 97 -9.61 -18.41 -5.02
C TYR A 97 -10.06 -19.44 -6.04
N CYS A 98 -11.23 -19.99 -5.82
CA CYS A 98 -11.93 -20.76 -6.84
C CYS A 98 -12.81 -19.81 -7.63
N THR A 99 -12.85 -19.98 -8.96
CA THR A 99 -13.62 -19.09 -9.82
C THR A 99 -14.36 -19.91 -10.86
N ARG A 100 -15.53 -19.41 -11.24
CA ARG A 100 -16.28 -19.96 -12.36
C ARG A 100 -15.86 -19.27 -13.65
N VAL A 101 -15.60 -20.06 -14.68
CA VAL A 101 -15.27 -19.52 -15.99
C VAL A 101 -16.57 -19.34 -16.77
N GLU A 102 -16.81 -18.13 -17.26
CA GLU A 102 -18.06 -17.84 -17.96
C GLU A 102 -18.13 -18.58 -19.29
N LEU A 103 -19.35 -19.00 -19.65
CA LEU A 103 -19.60 -19.67 -20.92
C LEU A 103 -19.46 -18.69 -22.08
N GLY A 104 -19.35 -19.24 -23.28
CA GLY A 104 -19.33 -18.43 -24.48
C GLY A 104 -17.94 -18.08 -24.94
N SER A 105 -17.88 -17.03 -25.77
CA SER A 105 -16.65 -16.61 -26.43
C SER A 105 -15.74 -15.78 -25.55
N SER A 106 -16.24 -15.24 -24.45
CA SER A 106 -15.47 -14.36 -23.58
C SER A 106 -15.47 -15.01 -22.20
N TRP A 107 -14.49 -15.88 -21.97
CA TRP A 107 -14.45 -16.72 -20.78
C TRP A 107 -13.77 -16.01 -19.61
N SER A 108 -14.37 -14.90 -19.19
CA SER A 108 -13.89 -14.23 -18.00
C SER A 108 -14.23 -15.05 -16.75
N LEU A 109 -13.72 -14.58 -15.60
CA LEU A 109 -13.94 -15.25 -14.32
C LEU A 109 -15.11 -14.54 -13.65
N GLY A 110 -16.33 -15.04 -13.91
CA GLY A 110 -17.52 -14.30 -13.55
C GLY A 110 -17.83 -14.31 -12.07
N TYR A 111 -17.41 -15.34 -11.35
CA TYR A 111 -17.73 -15.48 -9.93
C TYR A 111 -16.53 -16.05 -9.20
N TRP A 112 -16.29 -15.54 -8.00
CA TRP A 112 -15.14 -15.89 -7.19
C TRP A 112 -15.59 -16.34 -5.81
N GLY A 113 -14.91 -17.32 -5.25
CA GLY A 113 -15.12 -17.69 -3.87
C GLY A 113 -14.45 -16.70 -2.93
N GLN A 114 -14.71 -16.89 -1.64
CA GLN A 114 -14.11 -15.99 -0.64
C GLN A 114 -12.62 -16.22 -0.46
N GLY A 115 -12.11 -17.36 -0.89
CA GLY A 115 -10.70 -17.67 -0.79
C GLY A 115 -10.36 -18.46 0.45
N THR A 116 -9.31 -19.30 0.34
CA THR A 116 -8.77 -20.02 1.48
C THR A 116 -7.26 -19.80 1.50
N LEU A 117 -6.71 -19.57 2.70
CA LEU A 117 -5.30 -19.22 2.86
C LEU A 117 -4.43 -20.45 2.97
N VAL A 118 -3.42 -20.54 2.12
CA VAL A 118 -2.40 -21.58 2.21
C VAL A 118 -1.09 -20.90 2.61
N THR A 119 -0.56 -21.29 3.76
CA THR A 119 0.73 -20.79 4.24
C THR A 119 1.72 -21.95 4.22
N VAL A 120 2.73 -21.84 3.36
CA VAL A 120 3.77 -22.85 3.25
C VAL A 120 4.98 -22.33 4.00
N SER A 121 5.35 -23.01 5.08
CA SER A 121 6.43 -22.53 5.92
C SER A 121 7.11 -23.71 6.60
N SER A 122 8.43 -23.62 6.76
CA SER A 122 9.17 -24.60 7.52
C SER A 122 9.51 -24.10 8.93
N ALA A 123 8.75 -23.13 9.43
CA ALA A 123 8.94 -22.62 10.78
C ALA A 123 8.05 -23.37 11.76
N SER A 124 8.56 -23.54 12.98
CA SER A 124 7.76 -24.15 14.04
C SER A 124 7.10 -23.07 14.89
N THR A 125 6.08 -23.49 15.63
CA THR A 125 5.38 -22.58 16.53
C THR A 125 6.36 -21.95 17.52
N LYS A 126 6.23 -20.63 17.69
CA LYS A 126 7.07 -19.89 18.62
C LYS A 126 6.24 -18.73 19.15
N GLY A 127 6.20 -18.58 20.48
CA GLY A 127 5.57 -17.44 21.08
C GLY A 127 6.43 -16.20 20.92
N PRO A 128 5.81 -15.03 20.88
CA PRO A 128 6.57 -13.80 20.70
C PRO A 128 7.31 -13.39 21.97
N SER A 129 8.42 -12.69 21.78
CA SER A 129 8.93 -11.83 22.82
C SER A 129 8.26 -10.47 22.71
N VAL A 130 8.04 -9.82 23.84
CA VAL A 130 7.35 -8.54 23.88
C VAL A 130 8.28 -7.53 24.54
N PHE A 131 8.68 -6.51 23.79
CA PHE A 131 9.61 -5.50 24.26
C PHE A 131 8.94 -4.13 24.28
N PRO A 132 9.21 -3.31 25.31
CA PRO A 132 8.60 -1.99 25.35
C PRO A 132 9.24 -1.07 24.31
N LEU A 133 8.39 -0.28 23.66
CA LEU A 133 8.85 0.90 22.92
C LEU A 133 8.63 2.09 23.86
N ALA A 134 9.66 2.42 24.64
CA ALA A 134 9.49 3.34 25.77
C ALA A 134 9.35 4.78 25.30
N PRO A 135 8.39 5.52 25.84
CA PRO A 135 8.31 6.96 25.52
C PRO A 135 9.44 7.73 26.17
N SER A 136 9.89 8.77 25.47
CA SER A 136 10.97 9.62 25.94
C SER A 136 10.86 10.94 25.19
N SER A 137 11.82 11.83 25.43
CA SER A 137 11.88 13.06 24.63
C SER A 137 12.06 12.74 23.15
N LYS A 138 12.58 11.56 22.82
CA LYS A 138 12.77 11.14 21.45
C LYS A 138 11.47 10.71 20.78
N SER A 139 10.43 10.43 21.57
CA SER A 139 9.13 10.05 21.04
C SER A 139 8.06 11.04 21.50
N THR A 140 8.46 12.27 21.77
CA THR A 140 7.55 13.32 22.18
C THR A 140 7.52 14.41 21.12
N SER A 141 6.33 14.76 20.65
CA SER A 141 6.13 15.80 19.66
C SER A 141 5.03 16.72 20.16
N GLY A 142 5.40 17.94 20.56
CA GLY A 142 4.42 18.84 21.16
C GLY A 142 4.03 18.31 22.53
N GLY A 143 2.73 18.31 22.80
CA GLY A 143 2.22 17.71 24.01
C GLY A 143 1.93 16.23 23.91
N THR A 144 2.37 15.58 22.83
CA THR A 144 2.01 14.20 22.51
C THR A 144 3.23 13.29 22.58
N ALA A 145 3.12 12.19 23.31
CA ALA A 145 4.14 11.16 23.37
C ALA A 145 3.65 9.91 22.66
N ALA A 146 4.52 9.27 21.90
CA ALA A 146 4.26 7.95 21.36
C ALA A 146 4.93 6.89 22.23
N LEU A 147 4.30 5.73 22.34
CA LEU A 147 4.86 4.58 23.03
C LEU A 147 4.32 3.33 22.35
N GLY A 148 4.85 2.17 22.73
CA GLY A 148 4.37 0.97 22.07
C GLY A 148 4.98 -0.30 22.63
N CYS A 149 4.73 -1.39 21.90
CA CYS A 149 5.30 -2.68 22.21
C CYS A 149 5.77 -3.32 20.92
N LEU A 150 6.96 -3.87 20.95
CA LEU A 150 7.52 -4.64 19.84
C LEU A 150 7.25 -6.12 20.10
N VAL A 151 6.47 -6.74 19.22
CA VAL A 151 6.04 -8.12 19.38
C VAL A 151 6.85 -8.93 18.39
N LYS A 152 7.94 -9.54 18.85
CA LYS A 152 8.99 -9.99 17.96
C LYS A 152 9.11 -11.51 17.91
N ASP A 153 9.33 -12.03 16.70
CA ASP A 153 9.73 -13.41 16.43
C ASP A 153 8.68 -14.42 16.93
N TYR A 154 7.52 -14.42 16.27
CA TYR A 154 6.50 -15.40 16.59
C TYR A 154 6.07 -16.14 15.32
N PHE A 155 5.46 -17.30 15.53
CA PHE A 155 4.91 -18.07 14.43
C PHE A 155 3.91 -19.05 15.01
N PRO A 156 2.76 -19.27 14.35
CA PRO A 156 2.33 -18.53 13.15
C PRO A 156 1.56 -17.27 13.50
N GLU A 157 1.06 -16.58 12.47
CA GLU A 157 0.05 -15.55 12.69
C GLU A 157 -1.20 -16.20 13.29
N PRO A 158 -2.02 -15.45 14.02
CA PRO A 158 -1.82 -14.04 14.35
C PRO A 158 -1.48 -13.82 15.81
N VAL A 159 -1.10 -12.59 16.15
CA VAL A 159 -1.14 -12.11 17.52
C VAL A 159 -2.22 -11.04 17.59
N THR A 160 -2.79 -10.89 18.78
CA THR A 160 -3.65 -9.75 19.07
C THR A 160 -2.96 -8.88 20.12
N VAL A 161 -3.13 -7.57 19.99
CA VAL A 161 -2.60 -6.60 20.94
C VAL A 161 -3.73 -5.69 21.37
N SER A 162 -3.93 -5.57 22.67
CA SER A 162 -4.76 -4.51 23.21
C SER A 162 -3.90 -3.64 24.09
N TRP A 163 -4.45 -2.49 24.47
CA TRP A 163 -3.77 -1.54 25.35
C TRP A 163 -4.66 -1.27 26.54
N ASN A 164 -4.09 -1.44 27.73
CA ASN A 164 -4.79 -1.23 28.99
C ASN A 164 -6.10 -2.00 29.01
N SER A 165 -6.02 -3.26 28.59
CA SER A 165 -7.16 -4.18 28.58
C SER A 165 -8.30 -3.67 27.72
N GLY A 166 -7.99 -2.85 26.70
CA GLY A 166 -9.00 -2.34 25.80
C GLY A 166 -9.51 -0.95 26.10
N ALA A 167 -9.05 -0.32 27.18
CA ALA A 167 -9.47 1.04 27.50
C ALA A 167 -8.75 2.10 26.68
N LEU A 168 -7.70 1.71 25.95
CA LEU A 168 -6.94 2.61 25.09
C LEU A 168 -7.08 2.13 23.65
N THR A 169 -7.74 2.94 22.81
CA THR A 169 -8.06 2.55 21.43
C THR A 169 -7.76 3.62 20.39
N SER A 170 -8.06 4.89 20.67
CA SER A 170 -7.85 5.94 19.67
C SER A 170 -6.36 6.16 19.44
N GLY A 171 -5.97 6.27 18.17
CA GLY A 171 -4.57 6.49 17.87
C GLY A 171 -3.68 5.28 18.06
N VAL A 172 -4.27 4.12 18.31
CA VAL A 172 -3.52 2.87 18.34
C VAL A 172 -3.23 2.44 16.91
N HIS A 173 -1.97 2.14 16.62
CA HIS A 173 -1.60 1.57 15.32
C HIS A 173 -0.89 0.25 15.58
N THR A 174 -1.56 -0.85 15.29
CA THR A 174 -0.96 -2.18 15.34
C THR A 174 -0.60 -2.54 13.90
N PHE A 175 0.69 -2.54 13.61
CA PHE A 175 1.12 -2.63 12.22
C PHE A 175 0.96 -4.05 11.68
N PRO A 176 0.72 -4.19 10.38
CA PRO A 176 0.78 -5.52 9.76
C PRO A 176 2.10 -6.19 10.08
N ALA A 177 2.02 -7.48 10.40
CA ALA A 177 3.24 -8.22 10.72
C ALA A 177 4.13 -8.32 9.50
N VAL A 178 5.43 -8.36 9.73
CA VAL A 178 6.42 -8.53 8.69
C VAL A 178 7.03 -9.91 8.85
N LEU A 179 7.17 -10.63 7.74
CA LEU A 179 7.85 -11.91 7.75
C LEU A 179 9.35 -11.66 7.67
N GLN A 180 10.09 -12.20 8.62
CA GLN A 180 11.53 -12.04 8.65
C GLN A 180 12.21 -13.20 7.92
N SER A 181 13.51 -13.03 7.67
CA SER A 181 14.25 -14.08 6.98
C SER A 181 14.36 -15.34 7.83
N SER A 182 14.11 -15.21 9.13
CA SER A 182 14.04 -16.37 10.02
C SER A 182 12.79 -17.22 9.78
N GLY A 183 11.84 -16.73 8.99
CA GLY A 183 10.55 -17.38 8.92
C GLY A 183 9.59 -16.99 10.02
N LEU A 184 10.03 -16.17 10.96
CA LEU A 184 9.18 -15.69 12.05
C LEU A 184 8.65 -14.30 11.72
N TYR A 185 7.54 -13.96 12.35
CA TYR A 185 6.91 -12.66 12.18
C TYR A 185 7.29 -11.72 13.33
N SER A 186 7.20 -10.42 13.06
CA SER A 186 7.31 -9.38 14.07
C SER A 186 6.39 -8.23 13.70
N LEU A 187 5.83 -7.59 14.71
CA LEU A 187 5.08 -6.37 14.49
C LEU A 187 5.31 -5.44 15.67
N SER A 188 4.94 -4.18 15.48
CA SER A 188 4.86 -3.23 16.57
C SER A 188 3.43 -2.73 16.68
N SER A 189 3.04 -2.42 17.91
CA SER A 189 1.79 -1.71 18.19
C SER A 189 2.18 -0.43 18.91
N VAL A 190 1.69 0.70 18.40
CA VAL A 190 2.05 1.99 18.96
C VAL A 190 0.78 2.76 19.27
N VAL A 191 0.91 3.73 20.16
CA VAL A 191 -0.20 4.61 20.49
C VAL A 191 0.36 5.95 20.91
N THR A 192 -0.35 7.02 20.56
CA THR A 192 0.01 8.36 20.95
C THR A 192 -0.86 8.81 22.12
N VAL A 193 -0.23 9.42 23.11
CA VAL A 193 -0.90 9.77 24.36
C VAL A 193 -0.42 11.14 24.79
N PRO A 194 -1.18 11.81 25.65
CA PRO A 194 -0.70 13.07 26.22
C PRO A 194 0.58 12.85 27.00
N SER A 195 1.58 13.70 26.73
CA SER A 195 2.82 13.64 27.49
C SER A 195 2.56 13.75 28.99
N SER A 196 1.60 14.60 29.37
CA SER A 196 1.27 14.75 30.78
C SER A 196 0.76 13.46 31.39
N SER A 197 0.18 12.57 30.58
CA SER A 197 -0.38 11.33 31.11
C SER A 197 0.69 10.31 31.46
N LEU A 198 1.95 10.51 31.04
CA LEU A 198 3.02 9.59 31.39
C LEU A 198 3.28 9.55 32.88
N GLY A 199 2.78 10.54 33.63
CA GLY A 199 2.92 10.56 35.07
C GLY A 199 1.71 10.01 35.82
N THR A 200 0.52 10.10 35.23
CA THR A 200 -0.68 9.61 35.90
C THR A 200 -1.14 8.24 35.42
N GLN A 201 -0.86 7.88 34.19
CA GLN A 201 -1.44 6.68 33.58
C GLN A 201 -0.37 5.61 33.44
N THR A 202 -0.78 4.36 33.67
CA THR A 202 0.07 3.21 33.41
C THR A 202 -0.31 2.62 32.05
N TYR A 203 0.68 2.41 31.20
CA TYR A 203 0.44 1.90 29.86
C TYR A 203 0.94 0.46 29.76
N ILE A 204 0.02 -0.43 29.39
CA ILE A 204 0.27 -1.87 29.34
C ILE A 204 -0.25 -2.39 28.01
N CYS A 205 0.60 -3.08 27.26
CA CYS A 205 0.14 -3.77 26.07
C CYS A 205 -0.14 -5.22 26.43
N ASN A 206 -1.32 -5.70 26.03
CA ASN A 206 -1.77 -7.05 26.33
C ASN A 206 -1.61 -7.86 25.05
N VAL A 207 -0.66 -8.79 25.05
CA VAL A 207 -0.32 -9.55 23.84
C VAL A 207 -0.79 -10.98 24.02
N ASN A 208 -1.52 -11.49 23.03
CA ASN A 208 -2.00 -12.86 23.04
C ASN A 208 -1.55 -13.55 21.77
N HIS A 209 -0.88 -14.69 21.90
CA HIS A 209 -0.53 -15.55 20.77
C HIS A 209 -1.10 -16.92 21.06
N LYS A 210 -2.33 -17.16 20.59
CA LYS A 210 -3.03 -18.41 20.86
C LYS A 210 -2.24 -19.67 20.49
N PRO A 211 -1.62 -19.77 19.30
CA PRO A 211 -0.95 -21.03 18.94
C PRO A 211 0.11 -21.47 19.93
N SER A 212 0.72 -20.56 20.68
CA SER A 212 1.69 -20.93 21.70
C SER A 212 1.16 -20.75 23.11
N ASN A 213 -0.12 -20.39 23.27
CA ASN A 213 -0.73 -20.09 24.57
C ASN A 213 0.04 -18.99 25.30
N THR A 214 0.65 -18.07 24.55
CA THR A 214 1.39 -16.98 25.14
C THR A 214 0.45 -15.82 25.49
N LYS A 215 0.50 -15.39 26.74
CA LYS A 215 -0.16 -14.17 27.20
C LYS A 215 0.88 -13.33 27.92
N VAL A 216 1.02 -12.08 27.51
CA VAL A 216 1.99 -11.17 28.11
C VAL A 216 1.33 -9.82 28.28
N ASP A 217 1.34 -9.30 29.50
CA ASP A 217 0.90 -7.94 29.81
C ASP A 217 2.15 -7.13 30.12
N LYS A 218 2.67 -6.40 29.14
CA LYS A 218 3.94 -5.71 29.28
C LYS A 218 3.72 -4.25 29.64
N LYS A 219 4.23 -3.85 30.80
CA LYS A 219 4.20 -2.45 31.21
C LYS A 219 5.24 -1.66 30.41
N VAL A 220 4.82 -0.54 29.85
CA VAL A 220 5.71 0.30 29.03
C VAL A 220 6.04 1.52 29.86
N GLU A 221 7.26 1.55 30.43
CA GLU A 221 7.58 2.66 31.33
C GLU A 221 8.36 3.76 30.60
N PRO A 222 8.13 5.01 30.96
CA PRO A 222 8.85 6.11 30.30
C PRO A 222 10.33 6.09 30.64
N LYS A 223 11.13 6.59 29.72
CA LYS A 223 12.55 6.82 29.97
C LYS A 223 12.76 8.30 30.25
N SER A 224 13.93 8.61 30.82
CA SER A 224 14.23 9.97 31.25
C SER A 224 14.97 10.80 30.21
N CYS A 225 15.47 10.18 29.15
CA CYS A 225 16.22 10.90 28.12
C CYS A 225 15.34 11.86 27.31
N GLU B 1 4.77 -14.77 -22.40
CA GLU B 1 3.47 -14.38 -21.87
C GLU B 1 3.15 -12.93 -22.18
N ILE B 2 1.86 -12.61 -22.22
CA ILE B 2 1.42 -11.24 -22.41
C ILE B 2 1.47 -10.52 -21.06
N VAL B 3 2.29 -9.46 -20.99
CA VAL B 3 2.42 -8.67 -19.77
C VAL B 3 1.43 -7.52 -19.83
N LEU B 4 0.63 -7.38 -18.76
CA LEU B 4 -0.32 -6.29 -18.65
C LEU B 4 0.22 -5.26 -17.66
N THR B 5 0.43 -4.05 -18.14
CA THR B 5 0.99 -2.96 -17.34
C THR B 5 -0.12 -1.94 -17.10
N GLN B 6 -0.52 -1.79 -15.85
CA GLN B 6 -1.55 -0.84 -15.49
C GLN B 6 -0.92 0.48 -15.02
N SER B 7 -1.65 1.56 -15.26
CA SER B 7 -1.23 2.87 -14.82
C SER B 7 -2.46 3.70 -14.53
N PRO B 8 -2.40 4.62 -13.56
CA PRO B 8 -1.22 4.77 -12.70
C PRO B 8 -1.19 3.72 -11.61
N GLY B 9 -0.13 3.71 -10.79
CA GLY B 9 -0.10 2.78 -9.68
C GLY B 9 -1.20 3.05 -8.66
N THR B 10 -1.37 4.31 -8.30
CA THR B 10 -2.41 4.73 -7.36
C THR B 10 -3.11 5.95 -7.92
N LEU B 11 -4.44 5.89 -7.96
CA LEU B 11 -5.29 6.99 -8.38
C LEU B 11 -5.93 7.55 -7.12
N SER B 12 -5.56 8.80 -6.76
CA SER B 12 -6.05 9.45 -5.54
C SER B 12 -7.15 10.43 -5.91
N LEU B 13 -8.39 10.12 -5.54
CA LEU B 13 -9.54 10.88 -6.01
C LEU B 13 -10.56 11.02 -4.90
N SER B 14 -11.50 11.92 -5.10
CA SER B 14 -12.60 12.13 -4.17
C SER B 14 -13.88 11.51 -4.72
N PRO B 15 -14.83 11.18 -3.84
CA PRO B 15 -16.13 10.72 -4.34
C PRO B 15 -16.75 11.78 -5.24
N GLY B 16 -17.44 11.33 -6.28
CA GLY B 16 -17.98 12.21 -7.28
C GLY B 16 -17.08 12.46 -8.46
N GLU B 17 -15.78 12.21 -8.33
CA GLU B 17 -14.86 12.44 -9.43
C GLU B 17 -14.84 11.26 -10.40
N ARG B 18 -14.33 11.53 -11.60
CA ARG B 18 -14.17 10.52 -12.65
C ARG B 18 -12.83 9.84 -12.50
N ALA B 19 -12.83 8.50 -12.61
CA ALA B 19 -11.60 7.71 -12.54
C ALA B 19 -11.34 7.06 -13.90
N THR B 20 -10.12 7.21 -14.40
CA THR B 20 -9.71 6.63 -15.68
C THR B 20 -8.49 5.77 -15.43
N LEU B 21 -8.63 4.47 -15.65
CA LEU B 21 -7.57 3.51 -15.41
C LEU B 21 -7.12 2.91 -16.73
N SER B 22 -5.81 2.71 -16.87
CA SER B 22 -5.24 2.24 -18.12
C SER B 22 -4.60 0.87 -17.92
N CYS B 23 -4.73 0.02 -18.95
CA CYS B 23 -4.09 -1.28 -19.01
C CYS B 23 -3.41 -1.36 -20.38
N ARG B 24 -2.11 -1.60 -20.39
CA ARG B 24 -1.34 -1.69 -21.62
C ARG B 24 -0.80 -3.11 -21.77
N ALA B 25 -1.15 -3.76 -22.86
CA ALA B 25 -0.68 -5.11 -23.13
C ALA B 25 0.63 -5.09 -23.89
N SER B 26 1.48 -6.09 -23.64
CA SER B 26 2.76 -6.18 -24.32
C SER B 26 2.63 -6.58 -25.78
N GLN B 27 1.47 -7.10 -26.18
CA GLN B 27 1.18 -7.34 -27.58
C GLN B 27 -0.32 -7.22 -27.78
N SER B 28 -0.75 -7.24 -29.03
CA SER B 28 -2.15 -7.02 -29.33
C SER B 28 -3.01 -8.12 -28.71
N VAL B 29 -4.08 -7.71 -28.04
CA VAL B 29 -5.04 -8.62 -27.42
C VAL B 29 -6.40 -8.29 -27.98
N SER B 30 -7.08 -9.32 -28.51
CA SER B 30 -8.45 -9.12 -28.95
C SER B 30 -9.30 -8.63 -27.79
N SER B 31 -10.14 -7.62 -28.07
CA SER B 31 -10.95 -7.04 -27.01
C SER B 31 -11.86 -8.08 -26.36
N THR B 32 -12.22 -9.13 -27.10
CA THR B 32 -12.99 -10.23 -26.54
C THR B 32 -12.33 -10.83 -25.30
N TYR B 33 -11.00 -10.75 -25.20
CA TYR B 33 -10.25 -11.53 -24.23
C TYR B 33 -9.70 -10.69 -23.08
N LEU B 34 -10.26 -9.50 -22.87
CA LEU B 34 -9.80 -8.61 -21.81
C LEU B 34 -10.91 -8.38 -20.79
N ALA B 35 -10.56 -8.43 -19.51
CA ALA B 35 -11.54 -8.22 -18.45
C ALA B 35 -10.94 -7.32 -17.38
N TRP B 36 -11.83 -6.78 -16.56
CA TRP B 36 -11.47 -5.92 -15.43
C TRP B 36 -12.13 -6.45 -14.16
N TYR B 37 -11.37 -6.47 -13.08
CA TYR B 37 -11.86 -6.94 -11.80
C TYR B 37 -11.65 -5.89 -10.74
N GLN B 38 -12.52 -5.89 -9.74
CA GLN B 38 -12.43 -4.99 -8.60
C GLN B 38 -12.18 -5.82 -7.35
N GLN B 39 -11.23 -5.39 -6.53
CA GLN B 39 -11.01 -6.04 -5.25
C GLN B 39 -11.12 -4.99 -4.15
N LYS B 40 -12.19 -5.07 -3.37
CA LYS B 40 -12.39 -4.19 -2.25
C LYS B 40 -11.56 -4.67 -1.07
N PRO B 41 -11.23 -3.78 -0.13
CA PRO B 41 -10.36 -4.16 0.99
C PRO B 41 -10.91 -5.36 1.75
N GLY B 42 -10.05 -6.38 1.91
CA GLY B 42 -10.38 -7.58 2.65
C GLY B 42 -11.34 -8.52 1.96
N GLN B 43 -11.62 -8.33 0.68
CA GLN B 43 -12.59 -9.15 -0.03
C GLN B 43 -11.94 -9.82 -1.23
N ALA B 44 -12.64 -10.80 -1.78
CA ALA B 44 -12.23 -11.42 -3.02
C ALA B 44 -12.48 -10.48 -4.20
N PRO B 45 -11.76 -10.66 -5.30
CA PRO B 45 -12.07 -9.88 -6.50
C PRO B 45 -13.43 -10.24 -7.05
N ARG B 46 -14.00 -9.32 -7.83
CA ARG B 46 -15.22 -9.60 -8.56
C ARG B 46 -15.09 -9.03 -9.98
N LEU B 47 -15.74 -9.71 -10.91
CA LEU B 47 -15.75 -9.26 -12.29
C LEU B 47 -16.53 -7.97 -12.43
N LEU B 48 -15.95 -7.00 -13.15
CA LEU B 48 -16.62 -5.76 -13.50
C LEU B 48 -16.99 -5.71 -14.98
N ILE B 49 -15.99 -5.90 -15.84
CA ILE B 49 -16.11 -5.73 -17.28
C ILE B 49 -15.45 -6.94 -17.93
N TYR B 50 -16.12 -7.53 -18.90
CA TYR B 50 -15.53 -8.60 -19.70
C TYR B 50 -15.62 -8.22 -21.17
N GLY B 51 -14.77 -8.85 -21.98
CA GLY B 51 -14.72 -8.49 -23.39
C GLY B 51 -14.45 -7.02 -23.63
N ALA B 52 -13.65 -6.40 -22.75
CA ALA B 52 -13.21 -5.01 -22.85
C ALA B 52 -14.28 -3.99 -22.50
N SER B 53 -15.55 -4.23 -22.90
CA SER B 53 -16.58 -3.20 -22.78
C SER B 53 -17.91 -3.66 -22.21
N SER B 54 -18.10 -4.95 -21.90
CA SER B 54 -19.38 -5.46 -21.44
C SER B 54 -19.41 -5.53 -19.92
N ARG B 55 -20.43 -4.91 -19.32
CA ARG B 55 -20.57 -4.93 -17.87
C ARG B 55 -21.04 -6.31 -17.41
N ALA B 56 -20.48 -6.77 -16.29
CA ALA B 56 -20.93 -8.02 -15.70
C ALA B 56 -22.29 -7.82 -15.02
N THR B 57 -22.92 -8.96 -14.70
CA THR B 57 -24.22 -8.94 -14.04
C THR B 57 -24.19 -8.11 -12.77
N GLY B 58 -25.15 -7.20 -12.64
CA GLY B 58 -25.26 -6.39 -11.46
C GLY B 58 -24.24 -5.28 -11.31
N ILE B 59 -23.44 -5.01 -12.34
CA ILE B 59 -22.43 -3.96 -12.24
C ILE B 59 -23.08 -2.63 -12.62
N PRO B 60 -22.94 -1.59 -11.80
CA PRO B 60 -23.61 -0.31 -12.08
C PRO B 60 -23.14 0.35 -13.35
N ASP B 61 -23.98 1.26 -13.87
CA ASP B 61 -23.72 1.95 -15.13
C ASP B 61 -22.50 2.85 -15.08
N ARG B 62 -22.08 3.31 -13.90
CA ARG B 62 -20.94 4.22 -13.86
C ARG B 62 -19.64 3.55 -14.26
N PHE B 63 -19.60 2.22 -14.32
CA PHE B 63 -18.44 1.48 -14.79
C PHE B 63 -18.55 1.23 -16.29
N SER B 64 -17.53 1.61 -17.04
CA SER B 64 -17.49 1.32 -18.47
C SER B 64 -16.07 0.94 -18.87
N GLY B 65 -15.97 0.23 -19.98
CA GLY B 65 -14.70 -0.19 -20.50
C GLY B 65 -14.61 0.06 -21.99
N SER B 66 -13.40 0.30 -22.46
CA SER B 66 -13.15 0.46 -23.88
C SER B 66 -11.69 0.15 -24.15
N GLY B 67 -11.37 0.00 -25.43
CA GLY B 67 -10.02 -0.26 -25.87
C GLY B 67 -9.95 -1.43 -26.83
N SER B 68 -8.78 -1.55 -27.44
CA SER B 68 -8.49 -2.60 -28.41
C SER B 68 -7.00 -2.57 -28.69
N GLY B 69 -6.51 -3.64 -29.29
CA GLY B 69 -5.09 -3.75 -29.54
C GLY B 69 -4.33 -3.93 -28.24
N THR B 70 -3.50 -2.95 -27.90
CA THR B 70 -2.69 -3.02 -26.69
C THR B 70 -3.12 -2.04 -25.61
N ASP B 71 -4.06 -1.14 -25.89
CA ASP B 71 -4.43 -0.08 -24.96
C ASP B 71 -5.87 -0.25 -24.54
N PHE B 72 -6.10 -0.40 -23.23
CA PHE B 72 -7.42 -0.62 -22.69
C PHE B 72 -7.65 0.31 -21.51
N THR B 73 -8.91 0.75 -21.36
CA THR B 73 -9.26 1.76 -20.37
C THR B 73 -10.50 1.34 -19.59
N LEU B 74 -10.45 1.52 -18.27
CA LEU B 74 -11.62 1.38 -17.41
C LEU B 74 -11.97 2.76 -16.85
N THR B 75 -13.23 3.16 -17.03
CA THR B 75 -13.70 4.46 -16.55
C THR B 75 -14.78 4.26 -15.51
N ILE B 76 -14.64 4.97 -14.39
CA ILE B 76 -15.70 5.12 -13.40
C ILE B 76 -16.12 6.58 -13.47
N SER B 77 -17.34 6.82 -13.97
CA SER B 77 -17.76 8.17 -14.33
C SER B 77 -17.92 9.06 -13.11
N ARG B 78 -18.43 8.50 -12.01
CA ARG B 78 -18.66 9.28 -10.79
C ARG B 78 -18.41 8.33 -9.63
N LEU B 79 -17.27 8.51 -8.97
CA LEU B 79 -16.85 7.59 -7.92
C LEU B 79 -17.84 7.61 -6.76
N GLU B 80 -18.19 6.44 -6.30
CA GLU B 80 -18.94 6.24 -5.08
C GLU B 80 -18.01 5.75 -3.98
N PRO B 81 -18.34 5.99 -2.71
CA PRO B 81 -17.45 5.55 -1.62
C PRO B 81 -17.03 4.08 -1.71
N GLU B 82 -17.92 3.20 -2.16
CA GLU B 82 -17.56 1.79 -2.27
C GLU B 82 -16.64 1.49 -3.44
N ASP B 83 -16.40 2.46 -4.33
CA ASP B 83 -15.55 2.22 -5.49
C ASP B 83 -14.06 2.32 -5.18
N PHE B 84 -13.69 2.71 -3.96
CA PHE B 84 -12.28 2.85 -3.61
C PHE B 84 -11.75 1.46 -3.28
N ALA B 85 -10.87 0.97 -4.15
CA ALA B 85 -10.54 -0.45 -4.22
C ALA B 85 -9.36 -0.59 -5.17
N VAL B 86 -8.87 -1.82 -5.32
CA VAL B 86 -7.84 -2.12 -6.31
C VAL B 86 -8.50 -2.73 -7.54
N TYR B 87 -8.06 -2.33 -8.71
CA TYR B 87 -8.62 -2.79 -9.97
C TYR B 87 -7.53 -3.51 -10.78
N TYR B 88 -7.87 -4.69 -11.30
CA TYR B 88 -6.96 -5.51 -12.08
C TYR B 88 -7.55 -5.72 -13.47
N CYS B 89 -6.71 -5.55 -14.49
CA CYS B 89 -7.08 -6.06 -15.80
C CYS B 89 -6.54 -7.48 -15.97
N GLN B 90 -7.06 -8.18 -16.97
CA GLN B 90 -6.71 -9.58 -17.21
C GLN B 90 -6.90 -9.87 -18.69
N GLN B 91 -5.99 -10.64 -19.26
CA GLN B 91 -6.19 -11.21 -20.58
C GLN B 91 -6.32 -12.72 -20.47
N TYR B 92 -7.25 -13.28 -21.24
CA TYR B 92 -7.43 -14.72 -21.26
C TYR B 92 -7.45 -15.27 -22.69
N GLY B 93 -6.91 -14.53 -23.65
CA GLY B 93 -6.77 -15.00 -25.01
C GLY B 93 -5.48 -15.73 -25.30
N SER B 94 -4.50 -15.61 -24.42
CA SER B 94 -3.21 -16.27 -24.58
C SER B 94 -2.87 -17.00 -23.29
N SER B 95 -2.14 -18.09 -23.43
CA SER B 95 -1.70 -18.84 -22.26
C SER B 95 -0.25 -18.52 -21.97
N PRO B 96 0.11 -18.25 -20.70
CA PRO B 96 -0.80 -18.28 -19.56
C PRO B 96 -1.71 -17.06 -19.49
N TRP B 97 -2.90 -17.24 -18.91
CA TRP B 97 -3.71 -16.08 -18.56
C TRP B 97 -2.95 -15.19 -17.59
N THR B 98 -3.04 -13.88 -17.79
CA THR B 98 -2.25 -12.96 -16.98
C THR B 98 -3.12 -11.82 -16.49
N PHE B 99 -2.69 -11.25 -15.37
CA PHE B 99 -3.32 -10.09 -14.76
C PHE B 99 -2.35 -8.93 -14.76
N GLY B 100 -2.89 -7.72 -14.86
CA GLY B 100 -2.11 -6.54 -14.56
C GLY B 100 -1.70 -6.52 -13.10
N GLN B 101 -0.76 -5.62 -12.79
CA GLN B 101 -0.29 -5.53 -11.41
C GLN B 101 -1.27 -4.81 -10.50
N GLY B 102 -2.33 -4.23 -11.04
CA GLY B 102 -3.34 -3.56 -10.23
C GLY B 102 -3.15 -2.07 -10.12
N THR B 103 -4.27 -1.33 -10.12
CA THR B 103 -4.30 0.09 -9.83
C THR B 103 -5.17 0.30 -8.60
N LYS B 104 -4.62 0.98 -7.60
CA LYS B 104 -5.37 1.32 -6.41
C LYS B 104 -6.10 2.64 -6.63
N VAL B 105 -7.40 2.66 -6.40
CA VAL B 105 -8.17 3.89 -6.36
C VAL B 105 -8.35 4.23 -4.88
N GLU B 106 -7.67 5.28 -4.45
CA GLU B 106 -7.54 5.64 -3.05
C GLU B 106 -8.28 6.95 -2.78
N ILE B 107 -8.90 7.05 -1.60
CA ILE B 107 -9.61 8.27 -1.25
C ILE B 107 -8.59 9.36 -0.94
N LYS B 108 -8.79 10.52 -1.57
CA LYS B 108 -7.85 11.63 -1.50
C LYS B 108 -8.13 12.47 -0.26
N ARG B 109 -7.07 13.04 0.30
CA ARG B 109 -7.21 14.02 1.37
C ARG B 109 -6.08 15.03 1.21
N THR B 110 -6.10 16.04 2.07
CA THR B 110 -5.05 17.05 2.01
C THR B 110 -3.74 16.47 2.55
N VAL B 111 -2.64 17.12 2.19
CA VAL B 111 -1.33 16.63 2.60
C VAL B 111 -1.16 16.79 4.11
N ALA B 112 -0.63 15.75 4.74
CA ALA B 112 -0.31 15.78 6.16
C ALA B 112 1.09 15.22 6.33
N ALA B 113 1.99 16.02 6.89
CA ALA B 113 3.33 15.53 7.14
C ALA B 113 3.33 14.61 8.35
N PRO B 114 4.21 13.60 8.36
CA PRO B 114 4.26 12.69 9.51
C PRO B 114 4.84 13.37 10.74
N SER B 115 4.26 13.03 11.89
CA SER B 115 5.00 13.14 13.14
C SER B 115 5.95 11.96 13.21
N VAL B 116 7.16 12.20 13.74
CA VAL B 116 8.22 11.21 13.72
C VAL B 116 8.68 10.94 15.15
N PHE B 117 8.84 9.65 15.49
CA PHE B 117 9.22 9.22 16.82
C PHE B 117 10.24 8.10 16.71
N ILE B 118 11.20 8.07 17.62
CA ILE B 118 12.18 6.98 17.61
C ILE B 118 12.21 6.33 18.99
N PHE B 119 12.42 5.03 18.99
CA PHE B 119 12.42 4.23 20.21
C PHE B 119 13.73 3.48 20.29
N PRO B 120 14.50 3.63 21.36
CA PRO B 120 15.72 2.85 21.52
C PRO B 120 15.40 1.42 21.87
N PRO B 121 16.33 0.50 21.64
CA PRO B 121 16.12 -0.88 22.10
C PRO B 121 15.97 -0.94 23.60
N SER B 122 15.13 -1.86 24.05
CA SER B 122 14.93 -2.07 25.47
C SER B 122 16.08 -2.89 26.06
N ASP B 123 16.36 -2.64 27.35
CA ASP B 123 17.37 -3.42 28.06
C ASP B 123 17.06 -4.90 28.02
N GLU B 124 15.77 -5.26 28.07
CA GLU B 124 15.39 -6.68 28.03
C GLU B 124 15.84 -7.32 26.73
N GLN B 125 15.59 -6.66 25.59
CA GLN B 125 15.99 -7.23 24.31
C GLN B 125 17.51 -7.32 24.21
N LEU B 126 18.21 -6.27 24.66
CA LEU B 126 19.67 -6.26 24.57
C LEU B 126 20.27 -7.42 25.34
N LYS B 127 19.73 -7.71 26.53
CA LYS B 127 20.21 -8.85 27.30
C LYS B 127 20.07 -10.15 26.53
N SER B 128 19.05 -10.27 25.69
CA SER B 128 18.84 -11.48 24.91
C SER B 128 19.66 -11.51 23.62
N GLY B 129 20.48 -10.50 23.35
CA GLY B 129 21.45 -10.54 22.28
C GLY B 129 21.09 -9.80 21.01
N THR B 130 20.01 -9.03 21.00
CA THR B 130 19.55 -8.35 19.80
C THR B 130 19.18 -6.92 20.15
N ALA B 131 19.25 -6.03 19.15
CA ALA B 131 18.85 -4.64 19.31
C ALA B 131 17.96 -4.24 18.14
N SER B 132 16.70 -3.95 18.42
CA SER B 132 15.80 -3.39 17.42
C SER B 132 15.55 -1.92 17.74
N VAL B 133 15.76 -1.07 16.75
CA VAL B 133 15.45 0.36 16.86
C VAL B 133 14.26 0.64 15.96
N VAL B 134 13.24 1.30 16.49
CA VAL B 134 11.98 1.50 15.80
C VAL B 134 11.80 2.98 15.57
N CYS B 135 11.49 3.35 14.33
CA CYS B 135 11.18 4.71 13.92
C CYS B 135 9.73 4.73 13.46
N LEU B 136 8.94 5.64 14.03
CA LEU B 136 7.51 5.70 13.77
C LEU B 136 7.16 6.98 13.01
N LEU B 137 6.46 6.84 11.90
CA LEU B 137 5.90 7.96 11.15
C LEU B 137 4.38 7.89 11.28
N ASN B 138 3.79 8.90 11.92
CA ASN B 138 2.39 8.83 12.32
C ASN B 138 1.52 9.75 11.47
N ASN B 139 0.42 9.20 10.97
CA ASN B 139 -0.72 9.96 10.41
C ASN B 139 -0.30 10.92 9.30
N PHE B 140 0.24 10.36 8.24
CA PHE B 140 0.70 11.19 7.13
C PHE B 140 -0.05 10.85 5.86
N TYR B 141 0.01 11.77 4.90
CA TYR B 141 -0.61 11.60 3.59
C TYR B 141 0.02 12.59 2.64
N PRO B 142 0.39 12.20 1.41
CA PRO B 142 0.23 10.89 0.77
C PRO B 142 1.12 9.79 1.37
N ARG B 143 0.98 8.59 0.81
CA ARG B 143 1.58 7.40 1.39
C ARG B 143 3.10 7.37 1.24
N GLU B 144 3.64 8.04 0.22
CA GLU B 144 5.06 7.94 -0.05
C GLU B 144 5.86 8.68 1.02
N ALA B 145 6.84 7.98 1.58
CA ALA B 145 7.76 8.57 2.54
C ALA B 145 9.07 7.80 2.44
N LYS B 146 10.14 8.39 2.97
CA LYS B 146 11.43 7.72 2.99
C LYS B 146 11.98 7.76 4.40
N VAL B 147 12.35 6.60 4.91
CA VAL B 147 13.05 6.47 6.18
C VAL B 147 14.45 6.01 5.86
N GLN B 148 15.43 6.80 6.28
CA GLN B 148 16.83 6.42 6.14
C GLN B 148 17.42 6.23 7.53
N TRP B 149 17.98 5.06 7.77
CA TRP B 149 18.70 4.78 9.00
C TRP B 149 20.15 5.19 8.85
N LYS B 150 20.65 5.99 9.79
CA LYS B 150 22.05 6.38 9.81
C LYS B 150 22.61 6.02 11.17
N VAL B 151 23.67 5.24 11.17
CA VAL B 151 24.35 4.81 12.38
C VAL B 151 25.75 5.42 12.35
N ASP B 152 26.01 6.37 13.25
CA ASP B 152 27.21 7.19 13.20
C ASP B 152 27.41 7.77 11.80
N ASN B 153 26.32 8.29 11.24
CA ASN B 153 26.23 8.93 9.93
C ASN B 153 26.38 7.95 8.77
N ALA B 154 26.54 6.66 9.02
CA ALA B 154 26.64 5.68 7.95
C ALA B 154 25.24 5.20 7.56
N LEU B 155 24.89 5.37 6.29
CA LEU B 155 23.58 4.93 5.81
C LEU B 155 23.47 3.42 5.88
N GLN B 156 22.40 2.92 6.48
CA GLN B 156 22.18 1.49 6.62
C GLN B 156 21.36 0.95 5.46
N SER B 157 21.62 -0.31 5.09
CA SER B 157 20.83 -0.98 4.07
C SER B 157 20.88 -2.48 4.31
N GLY B 158 19.72 -3.13 4.15
CA GLY B 158 19.63 -4.58 4.29
C GLY B 158 19.42 -5.06 5.70
N ASN B 159 19.27 -4.16 6.68
CA ASN B 159 19.05 -4.56 8.06
C ASN B 159 17.85 -3.86 8.68
N SER B 160 16.91 -3.41 7.85
CA SER B 160 15.69 -2.80 8.37
C SER B 160 14.48 -3.34 7.61
N GLN B 161 13.30 -3.19 8.22
CA GLN B 161 12.06 -3.63 7.62
C GLN B 161 10.97 -2.61 7.92
N GLU B 162 10.08 -2.41 6.95
CA GLU B 162 9.03 -1.41 7.05
C GLU B 162 7.67 -2.08 7.03
N SER B 163 6.73 -1.48 7.74
CA SER B 163 5.33 -1.89 7.71
C SER B 163 4.49 -0.62 7.65
N VAL B 164 3.42 -0.67 6.87
CA VAL B 164 2.55 0.48 6.64
C VAL B 164 1.12 0.05 6.96
N THR B 165 0.41 0.88 7.72
CA THR B 165 -0.97 0.60 8.01
C THR B 165 -1.83 0.80 6.75
N GLU B 166 -3.01 0.20 6.77
CA GLU B 166 -4.01 0.57 5.79
C GLU B 166 -4.45 2.01 6.03
N GLN B 167 -4.93 2.65 4.97
CA GLN B 167 -5.43 4.01 5.10
C GLN B 167 -6.49 4.07 6.18
N ASP B 168 -6.38 5.08 7.06
CA ASP B 168 -7.24 5.13 8.23
C ASP B 168 -8.67 5.43 7.82
N SER B 169 -9.63 4.67 8.37
CA SER B 169 -11.03 4.88 8.00
C SER B 169 -11.57 6.23 8.44
N LYS B 170 -10.97 6.85 9.46
CA LYS B 170 -11.45 8.12 10.00
C LYS B 170 -10.79 9.33 9.33
N ASP B 171 -9.45 9.36 9.25
CA ASP B 171 -8.78 10.54 8.74
C ASP B 171 -8.03 10.31 7.44
N SER B 172 -8.10 9.12 6.86
CA SER B 172 -7.55 8.81 5.54
C SER B 172 -6.02 8.90 5.49
N THR B 173 -5.34 8.86 6.63
CA THR B 173 -3.88 8.92 6.66
C THR B 173 -3.29 7.52 6.75
N TYR B 174 -1.97 7.49 6.63
CA TYR B 174 -1.16 6.28 6.76
C TYR B 174 -0.21 6.47 7.94
N SER B 175 0.20 5.35 8.53
CA SER B 175 1.28 5.34 9.50
C SER B 175 2.27 4.27 9.11
N LEU B 176 3.53 4.47 9.48
CA LEU B 176 4.60 3.61 9.00
C LEU B 176 5.61 3.37 10.12
N SER B 177 6.07 2.14 10.22
CA SER B 177 7.15 1.80 11.14
C SER B 177 8.34 1.32 10.32
N SER B 178 9.53 1.69 10.75
CA SER B 178 10.76 1.13 10.22
C SER B 178 11.56 0.61 11.38
N THR B 179 12.00 -0.64 11.28
CA THR B 179 12.67 -1.33 12.38
C THR B 179 14.06 -1.73 11.93
N LEU B 180 15.06 -1.13 12.54
CA LEU B 180 16.45 -1.51 12.32
C LEU B 180 16.84 -2.55 13.36
N THR B 181 17.38 -3.68 12.90
CA THR B 181 17.73 -4.78 13.79
C THR B 181 19.21 -5.10 13.65
N LEU B 182 19.94 -4.98 14.76
CA LEU B 182 21.34 -5.33 14.85
C LEU B 182 21.52 -6.38 15.93
N SER B 183 22.60 -7.13 15.83
CA SER B 183 23.04 -7.94 16.96
C SER B 183 23.48 -7.03 18.10
N LYS B 184 23.42 -7.56 19.32
CA LYS B 184 23.91 -6.81 20.46
C LYS B 184 25.35 -6.34 20.23
N ALA B 185 26.19 -7.23 19.72
CA ALA B 185 27.60 -6.90 19.51
C ALA B 185 27.75 -5.74 18.55
N ASP B 186 27.06 -5.79 17.41
CA ASP B 186 27.13 -4.68 16.45
C ASP B 186 26.54 -3.41 17.04
N TYR B 187 25.40 -3.52 17.71
CA TYR B 187 24.79 -2.36 18.35
C TYR B 187 25.77 -1.64 19.28
N GLU B 188 26.54 -2.41 20.05
CA GLU B 188 27.49 -1.85 21.00
C GLU B 188 28.72 -1.25 20.33
N LYS B 189 28.91 -1.47 19.03
CA LYS B 189 30.06 -0.89 18.33
C LYS B 189 29.81 0.55 17.88
N HIS B 190 28.59 1.06 18.00
CA HIS B 190 28.24 2.33 17.43
C HIS B 190 27.55 3.20 18.49
N LYS B 191 27.45 4.50 18.19
CA LYS B 191 27.00 5.47 19.17
C LYS B 191 25.70 6.15 18.78
N VAL B 192 25.63 6.78 17.61
CA VAL B 192 24.49 7.61 17.24
C VAL B 192 23.59 6.82 16.29
N TYR B 193 22.33 6.65 16.70
CA TYR B 193 21.32 5.96 15.90
C TYR B 193 20.26 6.99 15.49
N ALA B 194 20.06 7.13 14.19
CA ALA B 194 19.18 8.19 13.68
C ALA B 194 18.31 7.65 12.57
N CYS B 195 17.03 8.01 12.58
CA CYS B 195 16.20 7.84 11.39
C CYS B 195 15.88 9.22 10.84
N GLU B 196 16.15 9.39 9.55
CA GLU B 196 15.94 10.64 8.85
C GLU B 196 14.76 10.45 7.90
N VAL B 197 13.74 11.28 8.05
CA VAL B 197 12.46 11.08 7.36
C VAL B 197 12.23 12.23 6.41
N THR B 198 11.85 11.91 5.17
CA THR B 198 11.35 12.90 4.24
C THR B 198 9.96 12.51 3.78
N HIS B 199 9.16 13.52 3.46
CA HIS B 199 7.80 13.36 2.97
C HIS B 199 7.51 14.63 2.20
N GLN B 200 6.68 14.52 1.17
CA GLN B 200 6.44 15.70 0.34
C GLN B 200 5.81 16.84 1.13
N GLY B 201 5.21 16.56 2.27
CA GLY B 201 4.71 17.61 3.15
C GLY B 201 5.73 18.25 4.06
N LEU B 202 6.95 17.74 4.09
CA LEU B 202 8.03 18.31 4.90
C LEU B 202 8.95 19.14 4.02
N SER B 203 9.20 20.39 4.43
CA SER B 203 10.10 21.25 3.68
C SER B 203 11.57 20.87 3.87
N SER B 204 11.90 20.13 4.91
CA SER B 204 13.25 19.63 5.11
C SER B 204 13.15 18.35 5.92
N PRO B 205 14.15 17.47 5.83
CA PRO B 205 14.04 16.17 6.51
C PRO B 205 13.88 16.33 8.01
N VAL B 206 13.13 15.42 8.61
CA VAL B 206 12.99 15.34 10.05
C VAL B 206 13.87 14.20 10.52
N THR B 207 14.77 14.48 11.46
CA THR B 207 15.65 13.47 12.02
C THR B 207 15.34 13.31 13.50
N LYS B 208 15.09 12.07 13.93
CA LYS B 208 15.03 11.73 15.33
C LYS B 208 16.17 10.78 15.64
N SER B 209 16.90 11.07 16.71
CA SER B 209 18.10 10.29 17.00
C SER B 209 18.30 10.18 18.50
N PHE B 210 19.06 9.16 18.91
CA PHE B 210 19.51 9.01 20.27
C PHE B 210 20.93 8.47 20.24
N ASN B 211 21.62 8.60 21.37
CA ASN B 211 22.92 7.98 21.56
C ASN B 211 22.75 6.70 22.37
N ARG B 212 23.46 5.66 21.98
CA ARG B 212 23.46 4.44 22.78
C ARG B 212 23.86 4.76 24.20
N GLY B 213 23.07 4.32 25.17
CA GLY B 213 23.32 4.61 26.56
C GLY B 213 22.76 5.93 27.06
N GLU B 214 22.27 6.78 26.17
CA GLU B 214 21.60 8.00 26.59
C GLU B 214 20.32 7.69 27.34
N CYS B 215 19.59 6.69 26.88
CA CYS B 215 18.30 6.33 27.47
C CYS B 215 18.43 5.07 28.32
N UNK C 1 24.29 23.61 -13.05
CA UNK C 1 23.69 23.50 -11.72
C UNK C 1 22.19 23.79 -11.78
N VAL C 2 21.43 23.06 -10.97
CA VAL C 2 19.98 23.21 -10.96
C VAL C 2 19.61 24.50 -10.27
N GLN C 3 18.70 25.26 -10.88
CA GLN C 3 18.19 26.49 -10.29
C GLN C 3 16.70 26.60 -10.60
N LEU C 4 15.99 27.25 -9.69
CA LEU C 4 14.57 27.50 -9.81
C LEU C 4 14.32 28.98 -9.63
N UNK C 5 13.37 29.52 -10.40
CA UNK C 5 13.03 30.93 -10.32
C UNK C 5 11.52 31.06 -10.35
N UNK C 6 10.96 31.58 -9.26
CA UNK C 6 9.55 31.88 -9.16
C UNK C 6 9.26 33.26 -9.70
N SER C 7 8.07 33.42 -10.29
CA SER C 7 7.61 34.74 -10.71
C SER C 7 6.09 34.74 -10.68
N GLY C 8 5.51 35.92 -10.92
CA GLY C 8 4.07 36.06 -10.95
C GLY C 8 3.45 36.54 -9.67
N GLY C 9 4.24 36.78 -8.62
CA GLY C 9 3.70 37.34 -7.40
C GLY C 9 3.35 38.81 -7.58
N GLY C 10 2.71 39.36 -6.57
CA GLY C 10 2.38 40.77 -6.59
C GLY C 10 1.31 41.09 -5.56
N UNK C 11 0.84 42.32 -5.64
CA UNK C 11 -0.22 42.80 -4.75
C UNK C 11 -1.57 42.58 -5.41
N VAL C 12 -2.47 41.92 -4.70
CA VAL C 12 -3.77 41.54 -5.24
C VAL C 12 -4.82 41.79 -4.17
N GLN C 13 -5.99 42.24 -4.60
CA GLN C 13 -7.06 42.49 -3.67
C GLN C 13 -7.66 41.16 -3.18
N UNK C 14 -8.25 41.15 -1.98
CA UNK C 14 -8.92 39.93 -1.52
C UNK C 14 -9.99 39.51 -2.51
N GLY C 15 -10.07 38.20 -2.75
CA GLY C 15 -10.92 37.67 -3.78
C GLY C 15 -10.28 37.61 -5.16
N UNK C 16 -9.11 38.22 -5.33
CA UNK C 16 -8.46 38.27 -6.62
C UNK C 16 -7.72 36.98 -6.96
N SER C 17 -7.07 37.01 -8.12
CA SER C 17 -6.38 35.86 -8.67
C SER C 17 -4.98 36.25 -9.12
N LEU C 18 -4.04 35.33 -8.92
CA LEU C 18 -2.70 35.42 -9.45
C LEU C 18 -2.32 34.05 -10.01
N UNK C 19 -1.34 34.03 -10.90
CA UNK C 19 -0.74 32.77 -11.32
C UNK C 19 0.76 32.86 -11.12
N LEU C 20 1.28 32.01 -10.25
CA LEU C 20 2.72 31.91 -10.07
C LEU C 20 3.29 30.90 -11.06
N SER C 21 4.52 31.18 -11.51
CA SER C 21 5.25 30.23 -12.33
C SER C 21 6.58 29.93 -11.66
N CYS C 22 7.12 28.75 -11.95
CA CYS C 22 8.41 28.33 -11.42
C CYS C 22 9.16 27.65 -12.57
N UNK C 23 10.21 28.31 -13.04
CA UNK C 23 10.98 27.82 -14.17
C UNK C 23 12.27 27.20 -13.66
N ALA C 24 12.57 25.98 -14.12
CA ALA C 24 13.79 25.30 -13.74
C ALA C 24 14.85 25.48 -14.81
N UNK C 25 16.10 25.52 -14.39
CA UNK C 25 17.23 25.51 -15.30
C UNK C 25 18.25 24.51 -14.78
N UNK C 26 19.11 24.04 -15.68
CA UNK C 26 20.14 23.09 -15.34
C UNK C 26 19.69 21.65 -15.26
N UNK C 27 18.40 21.38 -15.39
CA UNK C 27 17.88 20.02 -15.31
C UNK C 27 16.49 19.99 -15.95
N UNK C 28 16.18 18.85 -16.57
CA UNK C 28 14.83 18.60 -17.05
C UNK C 28 13.97 18.11 -15.89
N UNK C 29 12.75 18.65 -15.77
CA UNK C 29 11.90 18.37 -14.63
C UNK C 29 10.93 17.22 -14.86
N UNK C 30 10.89 16.66 -16.07
CA UNK C 30 9.78 15.78 -16.44
C UNK C 30 9.63 14.58 -15.52
N UNK C 31 10.74 14.11 -14.92
CA UNK C 31 10.69 12.94 -14.05
C UNK C 31 10.39 13.27 -12.60
N UNK C 32 10.28 14.54 -12.24
CA UNK C 32 10.32 14.96 -10.85
C UNK C 32 9.03 15.66 -10.47
N UNK C 33 8.52 15.32 -9.29
CA UNK C 33 7.49 16.12 -8.66
C UNK C 33 8.04 17.50 -8.34
N UNK C 34 7.17 18.51 -8.41
CA UNK C 34 7.54 19.87 -8.06
C UNK C 34 6.50 20.43 -7.10
N UNK C 35 6.98 21.12 -6.07
CA UNK C 35 6.12 21.53 -4.98
C UNK C 35 6.22 23.03 -4.75
N TRP C 36 5.16 23.57 -4.17
CA TRP C 36 5.08 24.96 -3.73
C TRP C 36 5.01 24.98 -2.21
N UNK C 37 5.80 25.85 -1.61
CA UNK C 37 5.75 26.17 -0.20
C UNK C 37 5.54 27.66 -0.04
N ARG C 38 5.20 28.09 1.17
CA ARG C 38 5.08 29.51 1.43
C ARG C 38 5.52 29.80 2.85
N GLN C 39 5.99 31.01 3.08
CA GLN C 39 6.43 31.42 4.41
C GLN C 39 6.17 32.91 4.59
N UNK C 40 5.46 33.25 5.66
CA UNK C 40 5.26 34.63 6.05
C UNK C 40 6.29 35.02 7.09
N PRO C 41 6.61 36.31 7.19
CA PRO C 41 7.58 36.77 8.21
C PRO C 41 7.21 36.26 9.60
N GLY C 42 8.21 35.68 10.27
CA GLY C 42 8.01 35.21 11.62
C GLY C 42 7.17 33.95 11.76
N UNK C 43 6.90 33.25 10.66
CA UNK C 43 6.10 32.04 10.70
C UNK C 43 6.87 30.89 10.06
N UNK C 44 6.40 29.68 10.34
CA UNK C 44 7.02 28.49 9.77
C UNK C 44 6.70 28.38 8.29
N ARG C 45 7.62 27.77 7.55
CA ARG C 45 7.35 27.44 6.16
C ARG C 45 6.25 26.39 6.09
N GLU C 46 5.32 26.57 5.15
CA GLU C 46 4.14 25.71 5.02
C GLU C 46 4.10 25.10 3.64
N UNK C 47 3.75 23.82 3.58
CA UNK C 47 3.48 23.17 2.30
C UNK C 47 2.25 23.80 1.67
N VAL C 48 2.27 23.96 0.35
CA VAL C 48 1.09 24.46 -0.36
C VAL C 48 0.50 23.41 -1.30
N UNK C 49 1.31 22.92 -2.24
CA UNK C 49 0.81 22.02 -3.27
C UNK C 49 1.98 21.29 -3.90
N UNK C 50 1.70 20.11 -4.46
CA UNK C 50 2.70 19.37 -5.22
C UNK C 50 2.07 18.89 -6.52
N UNK C 51 2.81 19.03 -7.61
CA UNK C 51 2.46 18.46 -8.90
C UNK C 51 3.42 17.31 -9.16
N UNK C 52 2.91 16.08 -9.13
CA UNK C 52 3.73 14.91 -9.42
C UNK C 52 3.85 14.77 -10.94
N UNK C 53 4.48 13.70 -11.41
CA UNK C 53 4.57 13.51 -12.85
C UNK C 53 3.18 13.43 -13.45
N UNK C 54 3.10 13.68 -14.76
CA UNK C 54 1.85 13.59 -15.48
C UNK C 54 1.18 12.23 -15.23
N UNK C 55 -0.09 12.28 -14.85
CA UNK C 55 -0.83 11.08 -14.52
C UNK C 55 -0.82 10.70 -13.06
N UNK C 56 0.17 11.19 -12.30
CA UNK C 56 0.26 10.90 -10.87
C UNK C 56 -0.38 11.97 -10.01
N UNK C 57 -0.96 13.00 -10.62
CA UNK C 57 -1.83 13.91 -9.90
C UNK C 57 -1.14 15.01 -9.13
N UNK C 58 -1.93 15.63 -8.27
CA UNK C 58 -1.51 16.79 -7.49
C UNK C 58 -2.14 16.69 -6.11
N UNK C 59 -1.46 17.24 -5.10
CA UNK C 59 -1.97 17.20 -3.73
C UNK C 59 -1.78 18.57 -3.10
N UNK C 60 -2.63 18.87 -2.11
CA UNK C 60 -2.78 20.24 -1.65
C UNK C 60 -2.83 20.31 -0.13
N UNK C 61 -2.42 21.46 0.39
CA UNK C 61 -2.54 21.75 1.81
C UNK C 61 -4.00 22.05 2.18
N ASP C 62 -4.29 21.91 3.48
CA ASP C 62 -5.62 22.24 4.00
C ASP C 62 -6.00 23.68 3.68
N SER C 63 -5.03 24.59 3.74
CA SER C 63 -5.31 26.01 3.67
C SER C 63 -5.74 26.47 2.29
N UNK C 64 -5.42 25.70 1.25
CA UNK C 64 -5.56 26.16 -0.13
C UNK C 64 -6.43 25.23 -0.96
N UNK C 65 -6.97 24.17 -0.36
CA UNK C 65 -7.77 23.21 -1.11
C UNK C 65 -9.00 23.91 -1.70
N GLY C 66 -9.26 23.64 -2.97
CA GLY C 66 -10.37 24.23 -3.67
C GLY C 66 -10.07 25.57 -4.33
N ARG C 67 -9.11 26.32 -3.81
CA ARG C 67 -8.83 27.65 -4.33
C ARG C 67 -7.60 27.71 -5.23
N PHE C 68 -6.62 26.86 -5.00
CA PHE C 68 -5.39 26.86 -5.78
C PHE C 68 -5.32 25.60 -6.63
N THR C 69 -4.69 25.72 -7.79
CA THR C 69 -4.47 24.59 -8.68
C THR C 69 -3.02 24.61 -9.11
N UNK C 70 -2.30 23.53 -8.89
CA UNK C 70 -0.93 23.40 -9.36
C UNK C 70 -0.98 22.64 -10.68
N SER C 71 -0.13 23.03 -11.62
CA SER C 71 -0.06 22.37 -12.92
C SER C 71 1.37 22.45 -13.42
N UNK C 72 1.66 21.70 -14.47
CA UNK C 72 3.03 21.64 -14.94
C UNK C 72 3.07 21.60 -16.46
N ASP C 73 4.14 22.16 -17.01
CA ASP C 73 4.45 22.05 -18.43
C ASP C 73 5.83 21.39 -18.49
N UNK C 74 5.86 20.07 -18.65
CA UNK C 74 7.11 19.33 -18.64
C UNK C 74 8.04 19.81 -19.75
N UNK C 75 7.51 19.96 -20.97
CA UNK C 75 8.34 20.39 -22.09
C UNK C 75 8.99 21.74 -21.82
N UNK C 76 8.33 22.61 -21.06
CA UNK C 76 8.83 23.93 -20.74
C UNK C 76 9.59 23.97 -19.41
N UNK C 77 9.69 22.85 -18.72
CA UNK C 77 10.40 22.77 -17.44
C UNK C 77 9.87 23.80 -16.45
N UNK C 78 8.54 23.93 -16.39
CA UNK C 78 7.90 24.96 -15.60
C UNK C 78 6.69 24.36 -14.89
N UNK C 79 6.47 24.78 -13.65
CA UNK C 79 5.26 24.44 -12.92
C UNK C 79 4.55 25.73 -12.54
N UNK C 80 3.23 25.64 -12.35
CA UNK C 80 2.40 26.80 -12.12
C UNK C 80 1.52 26.60 -10.90
N LEU C 81 1.22 27.70 -10.22
CA LEU C 81 0.26 27.72 -9.13
C LEU C 81 -0.78 28.79 -9.48
N GLN C 82 -1.95 28.33 -9.93
CA GLN C 82 -3.07 29.23 -10.19
C GLN C 82 -3.78 29.47 -8.87
N UNK C 83 -3.75 30.71 -8.41
CA UNK C 83 -4.33 31.08 -7.12
C UNK C 83 -5.58 31.90 -7.36
N UNK C 84 -6.73 31.39 -6.92
CA UNK C 84 -7.99 32.12 -6.98
C UNK C 84 -8.53 32.35 -5.58
N UNK C 85 -9.50 33.25 -5.50
CA UNK C 85 -10.17 33.58 -4.23
C UNK C 85 -9.16 33.88 -3.14
N LEU C 86 -8.21 34.75 -3.46
CA LEU C 86 -7.12 35.02 -2.53
C LEU C 86 -7.63 35.76 -1.30
N UNK C 87 -7.04 35.45 -0.15
CA UNK C 87 -7.37 36.00 1.16
C UNK C 87 -6.13 36.64 1.79
N UNK C 88 -6.30 37.62 2.67
CA UNK C 88 -5.13 38.21 3.35
C UNK C 88 -4.22 37.19 3.99
N UNK C 89 -4.77 36.09 4.51
CA UNK C 89 -3.97 35.04 5.13
C UNK C 89 -3.09 34.30 4.13
N ASP C 90 -3.31 34.47 2.83
CA ASP C 90 -2.43 33.88 1.83
C ASP C 90 -1.17 34.70 1.59
N UNK C 91 -1.05 35.85 2.25
CA UNK C 91 0.13 36.69 2.09
C UNK C 91 1.37 35.98 2.59
N ALA C 92 2.37 35.85 1.72
CA ALA C 92 3.61 35.15 2.06
C ALA C 92 4.54 35.20 0.86
N UNK C 93 5.80 34.82 1.10
CA UNK C 93 6.72 34.49 0.02
C UNK C 93 6.46 33.05 -0.40
N TYR C 94 6.23 32.83 -1.70
CA TYR C 94 5.97 31.50 -2.21
C TYR C 94 7.24 30.96 -2.87
N TYR C 95 7.62 29.75 -2.50
CA TYR C 95 8.81 29.08 -3.00
C TYR C 95 8.40 27.81 -3.71
N CYS C 96 9.11 27.48 -4.79
CA CYS C 96 9.00 26.17 -5.40
C CYS C 96 10.25 25.36 -5.11
N UNK C 97 10.09 24.04 -5.17
CA UNK C 97 11.17 23.11 -4.90
C UNK C 97 10.98 21.88 -5.77
N UNK C 98 12.09 21.26 -6.17
CA UNK C 98 12.06 20.01 -6.90
C UNK C 98 12.21 18.87 -5.89
N UNK C 99 11.36 17.87 -6.02
CA UNK C 99 11.55 16.60 -5.30
C UNK C 99 12.49 15.74 -6.13
N UNK C 100 13.73 15.59 -5.66
CA UNK C 100 14.73 14.81 -6.39
C UNK C 100 14.46 13.31 -6.35
N UNK C 101 13.55 12.83 -5.51
CA UNK C 101 13.24 11.42 -5.43
C UNK C 101 12.08 11.13 -6.37
N UNK C 102 12.33 10.33 -7.41
CA UNK C 102 11.27 9.99 -8.35
C UNK C 102 10.18 9.11 -7.74
N UNK C 103 10.43 8.53 -6.57
CA UNK C 103 9.41 7.77 -5.84
C UNK C 103 8.59 8.65 -4.89
N UNK C 104 8.81 9.97 -4.93
CA UNK C 104 7.92 10.98 -4.35
C UNK C 104 8.03 11.11 -2.83
N UNK C 105 9.20 10.86 -2.25
CA UNK C 105 9.36 11.02 -0.80
C UNK C 105 9.71 12.44 -0.37
N UNK C 106 9.81 13.39 -1.29
CA UNK C 106 10.06 14.75 -0.88
C UNK C 106 11.51 15.06 -0.52
N UNK C 107 12.45 14.60 -1.34
CA UNK C 107 13.85 15.01 -1.19
C UNK C 107 14.04 16.34 -1.90
N UNK C 108 13.72 17.41 -1.17
CA UNK C 108 13.70 18.75 -1.74
C UNK C 108 15.11 19.33 -1.67
N UNK C 109 15.92 19.01 -2.68
CA UNK C 109 17.31 19.44 -2.72
C UNK C 109 17.47 20.83 -3.30
N UNK C 110 16.63 21.23 -4.25
CA UNK C 110 16.77 22.50 -4.94
C UNK C 110 15.53 23.35 -4.73
N TRP C 111 15.75 24.62 -4.36
CA TRP C 111 14.70 25.57 -4.01
C TRP C 111 14.90 26.86 -4.79
N GLY C 112 13.79 27.50 -5.14
CA GLY C 112 13.86 28.86 -5.65
C GLY C 112 14.00 29.86 -4.52
N UNK C 113 14.23 31.12 -4.90
CA UNK C 113 14.38 32.18 -3.91
C UNK C 113 13.06 32.84 -3.54
N GLY C 114 11.98 32.49 -4.21
CA GLY C 114 10.68 32.91 -3.74
C GLY C 114 10.12 34.11 -4.49
N THR C 115 8.79 34.20 -4.51
CA THR C 115 8.10 35.37 -5.04
C THR C 115 7.06 35.82 -4.02
N UNK C 116 7.00 37.13 -3.79
CA UNK C 116 6.12 37.68 -2.76
C UNK C 116 4.69 37.80 -3.27
N VAL C 117 3.73 37.28 -2.51
CA VAL C 117 2.32 37.45 -2.77
C VAL C 117 1.73 38.21 -1.59
N THR C 118 1.08 39.35 -1.87
CA THR C 118 0.48 40.16 -0.82
C THR C 118 -0.98 40.40 -1.16
N VAL C 119 -1.87 40.00 -0.26
CA VAL C 119 -3.31 40.16 -0.45
C VAL C 119 -3.79 41.22 0.52
N SER C 120 -4.15 42.38 -0.01
CA SER C 120 -4.50 43.51 0.84
C SER C 120 -5.44 44.45 0.10
N SER C 121 -6.04 45.37 0.87
CA SER C 121 -6.97 46.37 0.36
C SER C 121 -8.20 45.72 -0.25
N ALA D 2 -7.87 -17.44 -30.38
CA ALA D 2 -7.21 -17.88 -29.16
C ALA D 2 -6.61 -19.28 -29.33
N ASN D 3 -5.36 -19.43 -28.89
CA ASN D 3 -4.72 -20.73 -28.94
C ASN D 3 -5.51 -21.74 -28.11
N PRO D 4 -5.47 -23.03 -28.48
CA PRO D 4 -6.28 -24.02 -27.75
C PRO D 4 -5.97 -24.09 -26.27
N ASN D 5 -4.70 -23.94 -25.88
CA ASN D 5 -4.36 -24.05 -24.47
C ASN D 5 -4.84 -22.86 -23.65
N ALA D 6 -5.32 -21.80 -24.28
CA ALA D 6 -5.89 -20.67 -23.57
C ALA D 6 -7.41 -20.71 -23.51
N ASN D 7 -8.04 -21.61 -24.28
CA ASN D 7 -9.50 -21.64 -24.41
C ASN D 7 -10.05 -22.70 -23.47
N PRO D 8 -10.77 -22.32 -22.42
CA PRO D 8 -11.34 -23.31 -21.50
C PRO D 8 -12.72 -23.81 -21.90
N ASN D 9 -13.31 -23.24 -22.95
CA ASN D 9 -14.69 -23.50 -23.32
C ASN D 9 -14.80 -24.30 -24.62
N ALA D 10 -13.74 -24.96 -25.02
CA ALA D 10 -13.75 -25.74 -26.25
C ALA D 10 -12.85 -26.95 -26.05
N ASN D 11 -13.26 -28.06 -26.63
CA ASN D 11 -12.40 -29.23 -26.68
C ASN D 11 -11.22 -28.91 -27.57
N PRO D 12 -9.97 -28.98 -27.08
CA PRO D 12 -8.82 -28.64 -27.92
C PRO D 12 -8.59 -29.67 -29.03
C1 EDO E . 15.64 -9.90 11.92
O1 EDO E . 15.73 -10.49 13.23
C2 EDO E . 16.38 -10.77 10.92
O2 EDO E . 15.72 -12.04 10.78
C1 EDO F . -10.20 -15.40 3.25
O1 EDO F . -11.28 -16.30 3.51
C2 EDO F . -8.98 -15.84 4.03
O2 EDO F . -7.96 -14.84 3.92
C1 EDO G . 8.43 -5.52 12.59
O1 EDO G . 8.29 -4.65 11.46
C2 EDO G . 9.00 -4.82 13.82
O2 EDO G . 8.30 -3.61 14.15
C1 PGE H . -1.35 -5.39 -4.52
O1 PGE H . -2.13 -5.05 -3.38
C2 PGE H . -1.82 -4.57 -5.71
O2 PGE H . -1.55 -3.19 -5.46
C3 PGE H . -1.48 -2.41 -6.63
C4 PGE H . -1.81 -0.96 -6.28
O4 PGE H . -0.21 0.11 -2.34
C6 PGE H . 0.18 0.55 -3.63
C5 PGE H . -1.01 0.46 -4.56
O3 PGE H . -0.68 -0.37 -5.67
C1 EDO I . -12.45 -12.47 -31.51
O1 EDO I . -11.05 -12.72 -31.67
C2 EDO I . -13.16 -13.81 -31.30
O2 EDO I . -14.56 -13.58 -31.12
C1 EDO J . -14.85 4.29 -21.68
O1 EDO J . -16.21 3.89 -21.82
C2 EDO J . -14.16 3.33 -20.73
O2 EDO J . -12.77 3.69 -20.61
C1 EDO K . 2.75 17.37 12.49
O1 EDO K . 2.26 17.61 11.16
C2 EDO K . 4.12 16.69 12.39
O2 EDO K . 4.95 17.46 11.52
C1 PEG L . 15.03 31.68 -16.32
O1 PEG L . 15.79 32.30 -17.32
C2 PEG L . 15.73 30.38 -15.89
O2 PEG L . 15.16 29.89 -14.70
C3 PEG L . 16.07 29.70 -13.65
C4 PEG L . 16.75 31.01 -13.29
O4 PEG L . 17.30 30.94 -12.01
#